data_2IC5
#
_entry.id   2IC5
#
_cell.length_a   53.755
_cell.length_b   81.583
_cell.length_c   84.381
_cell.angle_alpha   90.00
_cell.angle_beta   90.00
_cell.angle_gamma   90.00
#
_symmetry.space_group_name_H-M   'P 21 21 21'
#
loop_
_entity.id
_entity.type
_entity.pdbx_description
1 polymer 'Ras-related C3 botulinum toxin substrate 3'
2 non-polymer 'MAGNESIUM ION'
3 non-polymer 'CHLORIDE ION'
4 non-polymer 'PHOSPHOAMINOPHOSPHONIC ACID-GUANYLATE ESTER'
5 non-polymer 2-[BIS-(2-HYDROXY-ETHYL)-AMINO]-2-HYDROXYMETHYL-PROPANE-1,3-DIOL
6 non-polymer "GUANOSINE-5'-DIPHOSPHATE"
7 water water
#
_entity_poly.entity_id   1
_entity_poly.type   'polypeptide(L)'
_entity_poly.pdbx_seq_one_letter_code
;SMQAIKCVVVGDGAVGKTCLLISYTTNAFPGEYIPTVFDNYSANVMVDGKPVNLGLWDTAGQEDYDRLRPLSYPQTDVFL
ICFSLVSPASFENVRAKWYPEVRHHCPHTPILLVGTKLDLRDDKDTIERLRDKKLAPITYPQGLAMAREIGSVKYLECSA
LTQRGLKTVFDEAIRAVLGG
;
_entity_poly.pdbx_strand_id   A,B
#
loop_
_chem_comp.id
_chem_comp.type
_chem_comp.name
_chem_comp.formula
BTB non-polymer 2-[BIS-(2-HYDROXY-ETHYL)-AMINO]-2-HYDROXYMETHYL-PROPANE-1,3-DIOL 'C8 H19 N O5'
CL non-polymer 'CHLORIDE ION' 'Cl -1'
GDP RNA linking GUANOSINE-5'-DIPHOSPHATE 'C10 H15 N5 O11 P2'
GNP non-polymer 'PHOSPHOAMINOPHOSPHONIC ACID-GUANYLATE ESTER' 'C10 H17 N6 O13 P3'
MG non-polymer 'MAGNESIUM ION' 'Mg 2'
#
# COMPACT_ATOMS: atom_id res chain seq x y z
N SER A 1 -19.32 26.65 21.51
CA SER A 1 -19.55 25.68 20.39
C SER A 1 -19.23 24.24 20.83
N MET A 2 -19.38 23.28 19.93
CA MET A 2 -19.15 21.88 20.28
C MET A 2 -17.72 21.65 20.67
N GLN A 3 -17.53 20.83 21.69
CA GLN A 3 -16.24 20.22 21.97
C GLN A 3 -15.70 19.58 20.68
N ALA A 4 -14.50 19.98 20.31
CA ALA A 4 -13.79 19.48 19.13
C ALA A 4 -12.70 18.50 19.56
N ILE A 5 -12.59 17.40 18.82
CA ILE A 5 -11.60 16.38 19.06
C ILE A 5 -10.90 16.05 17.74
N LYS A 6 -9.57 16.23 17.73
CA LYS A 6 -8.74 15.82 16.60
C LYS A 6 -8.19 14.41 16.82
N CYS A 7 -8.58 13.52 15.92
CA CYS A 7 -8.19 12.14 15.93
C CYS A 7 -7.42 11.84 14.62
N VAL A 8 -6.22 11.32 14.78
CA VAL A 8 -5.35 10.98 13.66
C VAL A 8 -5.21 9.45 13.58
N VAL A 9 -5.39 8.91 12.38
CA VAL A 9 -5.32 7.47 12.13
C VAL A 9 -4.04 7.14 11.34
N VAL A 10 -3.21 6.26 11.90
CA VAL A 10 -1.94 5.86 11.28
C VAL A 10 -1.82 4.35 11.25
N GLY A 11 -0.92 3.85 10.41
CA GLY A 11 -0.67 2.43 10.27
C GLY A 11 -0.25 2.08 8.85
N ASP A 12 0.21 0.87 8.64
CA ASP A 12 0.78 0.46 7.36
C ASP A 12 -0.16 0.66 6.19
N GLY A 13 0.41 0.78 5.00
CA GLY A 13 -0.37 0.79 3.77
C GLY A 13 -1.25 -0.45 3.72
N ALA A 14 -2.50 -0.26 3.27
CA ALA A 14 -3.47 -1.35 3.06
C ALA A 14 -4.07 -2.01 4.31
N VAL A 15 -3.89 -1.41 5.50
CA VAL A 15 -4.52 -2.00 6.68
C VAL A 15 -6.00 -1.66 6.80
N GLY A 16 -6.46 -0.67 6.05
CA GLY A 16 -7.87 -0.30 6.01
C GLY A 16 -8.22 1.00 6.70
N LYS A 17 -7.25 1.92 6.76
CA LYS A 17 -7.47 3.22 7.42
C LYS A 17 -8.57 4.03 6.74
N THR A 18 -8.50 4.16 5.42
CA THR A 18 -9.45 5.00 4.71
C THR A 18 -10.84 4.39 4.75
N CYS A 19 -10.93 3.07 4.61
CA CYS A 19 -12.22 2.39 4.69
C CYS A 19 -12.84 2.50 6.07
N LEU A 20 -12.03 2.43 7.11
CA LEU A 20 -12.49 2.60 8.47
C LEU A 20 -13.17 3.95 8.62
N LEU A 21 -12.51 4.99 8.15
CA LEU A 21 -13.09 6.34 8.24
C LEU A 21 -14.37 6.55 7.43
N ILE A 22 -14.40 6.05 6.20
CA ILE A 22 -15.56 6.24 5.32
C ILE A 22 -16.75 5.42 5.81
N SER A 23 -16.50 4.19 6.24
CA SER A 23 -17.56 3.32 6.70
C SER A 23 -18.16 3.92 7.98
N TYR A 24 -17.29 4.38 8.85
CA TYR A 24 -17.74 5.00 10.09
C TYR A 24 -18.56 6.25 9.81
N THR A 25 -18.01 7.19 9.04
CA THR A 25 -18.66 8.48 8.81
C THR A 25 -19.89 8.46 7.93
N THR A 26 -19.90 7.63 6.89
CA THR A 26 -20.99 7.56 5.95
C THR A 26 -21.93 6.37 6.15
N ASN A 27 -21.53 5.42 6.99
CA ASN A 27 -22.32 4.20 7.22
C ASN A 27 -22.37 3.28 5.98
N ALA A 28 -21.44 3.46 5.06
CA ALA A 28 -21.32 2.62 3.85
C ALA A 28 -19.84 2.32 3.62
N PHE A 29 -19.54 1.08 3.28
CA PHE A 29 -18.18 0.68 2.95
C PHE A 29 -17.90 1.06 1.50
N PRO A 30 -16.74 1.69 1.21
CA PRO A 30 -16.38 2.03 -0.17
C PRO A 30 -16.46 0.84 -1.15
N GLY A 31 -16.90 1.09 -2.37
CA GLY A 31 -16.96 0.07 -3.40
C GLY A 31 -15.70 0.07 -4.24
N GLU A 32 -15.82 0.57 -5.47
CA GLU A 32 -14.68 0.67 -6.39
C GLU A 32 -13.78 1.86 -6.03
N TYR A 33 -14.39 2.94 -5.57
CA TYR A 33 -13.64 4.16 -5.27
C TYR A 33 -13.23 4.21 -3.81
N ILE A 34 -11.94 4.07 -3.53
CA ILE A 34 -11.39 4.38 -2.20
C ILE A 34 -10.47 5.59 -2.36
N PRO A 35 -10.84 6.75 -1.80
CA PRO A 35 -9.90 7.87 -1.83
C PRO A 35 -8.68 7.61 -0.93
N PHE A 38 -5.67 11.61 1.26
CA PHE A 38 -5.58 11.65 2.72
C PHE A 38 -6.37 12.82 3.29
N ASP A 39 -7.68 12.60 3.39
CA ASP A 39 -8.62 13.68 3.71
C ASP A 39 -8.85 13.78 5.22
N ASN A 40 -9.56 14.86 5.57
CA ASN A 40 -10.05 15.06 6.92
C ASN A 40 -11.56 14.92 6.87
N TYR A 41 -12.09 13.97 7.63
CA TYR A 41 -13.53 13.76 7.74
C TYR A 41 -13.99 14.52 9.01
N SER A 42 -15.17 15.15 8.97
CA SER A 42 -15.77 15.74 10.18
C SER A 42 -17.01 14.92 10.55
N ALA A 43 -16.99 14.24 11.71
CA ALA A 43 -18.18 13.51 12.24
C ALA A 43 -18.76 14.17 13.51
N ASN A 44 -20.04 13.95 13.78
CA ASN A 44 -20.65 14.39 15.06
C ASN A 44 -21.05 13.16 15.87
N VAL A 45 -20.76 13.19 17.18
CA VAL A 45 -21.04 12.07 18.08
C VAL A 45 -21.67 12.57 19.36
N MET A 46 -22.68 11.85 19.80
CA MET A 46 -23.35 12.17 21.04
C MET A 46 -22.60 11.39 22.11
N VAL A 47 -22.05 12.10 23.08
CA VAL A 47 -21.31 11.51 24.17
C VAL A 47 -21.79 12.15 25.46
N ASP A 48 -22.33 11.33 26.36
CA ASP A 48 -22.91 11.84 27.60
C ASP A 48 -23.83 13.03 27.36
N GLY A 49 -24.73 12.88 26.38
CA GLY A 49 -25.79 13.86 26.16
C GLY A 49 -25.36 15.17 25.51
N LYS A 50 -24.13 15.24 24.99
CA LYS A 50 -23.66 16.44 24.32
C LYS A 50 -23.03 16.06 22.98
N PRO A 51 -23.30 16.85 21.92
CA PRO A 51 -22.70 16.55 20.64
C PRO A 51 -21.23 16.96 20.62
N VAL A 52 -20.42 16.13 20.01
CA VAL A 52 -19.00 16.38 19.91
C VAL A 52 -18.59 16.35 18.42
N ASN A 53 -17.69 17.27 18.05
CA ASN A 53 -17.17 17.44 16.70
C ASN A 53 -15.88 16.65 16.56
N LEU A 54 -15.97 15.49 15.91
CA LEU A 54 -14.84 14.62 15.75
C LEU A 54 -14.20 14.86 14.40
N GLY A 55 -13.00 15.43 14.41
CA GLY A 55 -12.25 15.60 13.18
C GLY A 55 -11.32 14.42 12.99
N LEU A 56 -11.46 13.76 11.86
CA LEU A 56 -10.74 12.52 11.62
C LEU A 56 -9.72 12.68 10.51
N TRP A 57 -8.45 12.45 10.83
CA TRP A 57 -7.38 12.76 9.89
C TRP A 57 -6.79 11.49 9.35
N ASP A 58 -7.00 11.25 8.04
CA ASP A 58 -6.41 10.10 7.37
C ASP A 58 -4.94 10.39 7.07
N THR A 59 -4.12 9.34 7.02
CA THR A 59 -2.70 9.47 6.73
C THR A 59 -2.26 8.40 5.77
N ALA A 60 -1.12 8.65 5.12
CA ALA A 60 -0.48 7.71 4.22
C ALA A 60 0.46 6.86 5.03
N GLY A 61 0.39 5.55 4.86
CA GLY A 61 1.23 4.63 5.61
C GLY A 61 2.61 4.38 5.02
N GLN A 62 2.87 4.87 3.82
CA GLN A 62 4.09 4.52 3.10
C GLN A 62 5.31 5.32 3.60
N GLU A 63 6.50 4.76 3.39
CA GLU A 63 7.76 5.38 3.80
C GLU A 63 8.01 6.74 3.14
N ASP A 64 7.47 6.92 1.94
CA ASP A 64 7.68 8.15 1.18
C ASP A 64 7.15 9.37 1.90
N TYR A 65 6.23 9.15 2.84
CA TYR A 65 5.63 10.24 3.62
C TYR A 65 6.20 10.35 5.02
N ASP A 66 7.36 9.71 5.28
CA ASP A 66 7.90 9.71 6.64
C ASP A 66 8.27 11.12 7.15
N ARG A 67 8.61 12.06 6.26
CA ARG A 67 8.83 13.46 6.68
C ARG A 67 7.59 14.34 6.61
N LEU A 68 6.63 14.02 5.74
CA LEU A 68 5.42 14.83 5.56
C LEU A 68 4.30 14.47 6.55
N ARG A 69 4.11 13.19 6.83
CA ARG A 69 2.98 12.76 7.64
C ARG A 69 2.93 13.41 9.03
N PRO A 70 4.07 13.48 9.74
CA PRO A 70 4.05 14.12 11.07
C PRO A 70 3.65 15.59 11.11
N LEU A 71 3.60 16.27 9.95
CA LEU A 71 3.10 17.64 9.90
C LEU A 71 1.63 17.72 10.26
N SER A 72 0.91 16.60 10.20
CA SER A 72 -0.49 16.58 10.62
C SER A 72 -0.67 16.36 12.12
N TYR A 73 0.41 16.04 12.84
CA TYR A 73 0.30 15.58 14.23
C TYR A 73 0.04 16.67 15.29
N PRO A 74 0.57 17.88 15.09
CA PRO A 74 0.32 18.87 16.15
C PRO A 74 -1.17 19.08 16.49
N GLN A 75 -1.45 19.31 17.76
CA GLN A 75 -2.81 19.51 18.26
C GLN A 75 -3.67 18.25 18.21
N THR A 76 -3.06 17.08 18.01
CA THR A 76 -3.84 15.84 18.01
C THR A 76 -4.24 15.49 19.43
N ASP A 77 -5.50 15.10 19.59
CA ASP A 77 -6.08 14.75 20.89
C ASP A 77 -6.00 13.26 21.15
N VAL A 78 -5.98 12.46 20.10
CA VAL A 78 -5.93 11.01 20.26
C VAL A 78 -5.46 10.40 18.94
N PHE A 79 -4.62 9.38 19.01
CA PHE A 79 -4.21 8.62 17.84
C PHE A 79 -4.86 7.23 17.80
N LEU A 80 -5.20 6.76 16.60
CA LEU A 80 -5.53 5.37 16.40
C LEU A 80 -4.37 4.79 15.61
N ILE A 81 -3.73 3.76 16.15
CA ILE A 81 -2.70 3.02 15.41
C ILE A 81 -3.37 1.74 14.95
N CYS A 82 -3.41 1.56 13.64
CA CYS A 82 -4.16 0.45 13.01
C CYS A 82 -3.23 -0.58 12.44
N PHE A 83 -3.57 -1.85 12.63
CA PHE A 83 -2.94 -2.96 11.88
C PHE A 83 -4.04 -3.91 11.45
N SER A 84 -3.82 -4.65 10.37
CA SER A 84 -4.75 -5.68 9.92
C SER A 84 -4.58 -6.98 10.74
N LEU A 85 -5.69 -7.50 11.27
CA LEU A 85 -5.66 -8.78 11.98
C LEU A 85 -5.16 -9.92 11.10
N VAL A 86 -5.15 -9.75 9.78
CA VAL A 86 -4.69 -10.80 8.91
C VAL A 86 -3.38 -10.46 8.20
N SER A 87 -2.64 -9.48 8.75
CA SER A 87 -1.30 -9.14 8.29
C SER A 87 -0.35 -9.00 9.49
N PRO A 88 0.28 -10.10 9.89
CA PRO A 88 1.25 -10.06 10.98
C PRO A 88 2.36 -9.03 10.76
N ALA A 89 2.77 -8.79 9.52
CA ALA A 89 3.78 -7.75 9.24
C ALA A 89 3.27 -6.37 9.71
N SER A 90 2.00 -6.08 9.47
CA SER A 90 1.42 -4.77 9.87
C SER A 90 1.35 -4.65 11.39
N PHE A 91 1.19 -5.80 12.05
CA PHE A 91 1.12 -5.88 13.50
C PHE A 91 2.50 -5.58 14.10
N GLU A 92 3.54 -6.22 13.57
CA GLU A 92 4.93 -6.00 14.00
CA GLU A 92 4.88 -5.99 14.09
C GLU A 92 5.34 -4.54 13.83
N ASN A 93 4.86 -3.94 12.75
CA ASN A 93 5.16 -2.54 12.48
C ASN A 93 4.52 -1.56 13.49
N VAL A 94 3.50 -1.99 14.21
CA VAL A 94 2.94 -1.18 15.30
C VAL A 94 4.06 -0.84 16.30
N ARG A 95 4.82 -1.85 16.71
CA ARG A 95 5.89 -1.61 17.69
C ARG A 95 7.14 -1.01 17.05
N ALA A 96 7.44 -1.48 15.83
CA ALA A 96 8.66 -1.12 15.13
C ALA A 96 8.66 0.29 14.51
N LYS A 97 7.49 0.78 14.13
CA LYS A 97 7.38 2.01 13.37
C LYS A 97 6.42 3.00 13.97
N TRP A 98 5.16 2.59 14.12
CA TRP A 98 4.07 3.54 14.41
C TRP A 98 4.10 4.07 15.81
N TYR A 99 4.29 3.19 16.78
CA TYR A 99 4.37 3.65 18.16
C TYR A 99 5.55 4.64 18.37
N PRO A 100 6.78 4.27 17.99
CA PRO A 100 7.89 5.24 18.08
C PRO A 100 7.67 6.56 17.33
N GLU A 101 7.06 6.53 16.16
CA GLU A 101 6.85 7.75 15.37
C GLU A 101 5.90 8.67 16.09
N VAL A 102 4.78 8.13 16.52
CA VAL A 102 3.77 8.94 17.21
C VAL A 102 4.37 9.54 18.48
N ARG A 103 5.07 8.72 19.25
CA ARG A 103 5.63 9.18 20.52
C ARG A 103 6.77 10.17 20.37
N HIS A 104 7.51 10.08 19.27
CA HIS A 104 8.57 11.06 18.98
C HIS A 104 8.02 12.47 18.86
N HIS A 105 6.85 12.59 18.25
CA HIS A 105 6.20 13.89 18.03
C HIS A 105 5.21 14.26 19.14
N CYS A 106 4.57 13.27 19.74
CA CYS A 106 3.50 13.50 20.72
C CYS A 106 3.66 12.53 21.91
N PRO A 107 4.56 12.86 22.85
CA PRO A 107 4.88 11.92 23.91
C PRO A 107 3.70 11.53 24.81
N HIS A 108 2.68 12.39 24.89
CA HIS A 108 1.63 12.21 25.89
C HIS A 108 0.23 11.91 25.36
N THR A 109 0.07 12.00 24.05
CA THR A 109 -1.26 11.86 23.47
C THR A 109 -1.75 10.41 23.56
N PRO A 110 -2.98 10.20 24.03
CA PRO A 110 -3.44 8.82 24.10
C PRO A 110 -3.47 8.10 22.75
N ILE A 111 -3.11 6.83 22.79
CA ILE A 111 -3.11 5.95 21.60
C ILE A 111 -4.08 4.83 21.84
N LEU A 112 -4.93 4.56 20.86
CA LEU A 112 -5.79 3.37 20.88
C LEU A 112 -5.24 2.47 19.82
N LEU A 113 -5.08 1.18 20.14
CA LEU A 113 -4.65 0.20 19.10
C LEU A 113 -5.86 -0.46 18.48
N VAL A 114 -5.95 -0.43 17.14
CA VAL A 114 -7.11 -0.95 16.45
C VAL A 114 -6.69 -2.06 15.50
N GLY A 115 -7.19 -3.26 15.74
CA GLY A 115 -7.11 -4.35 14.78
C GLY A 115 -8.27 -4.30 13.78
N THR A 116 -7.92 -4.23 12.50
CA THR A 116 -8.87 -4.09 11.40
C THR A 116 -9.10 -5.42 10.67
N LYS A 117 -10.07 -5.40 9.76
CA LYS A 117 -10.43 -6.57 8.95
C LYS A 117 -10.84 -7.79 9.80
N LEU A 118 -11.53 -7.53 10.91
CA LEU A 118 -12.03 -8.58 11.80
C LEU A 118 -12.80 -9.66 11.05
N ASP A 119 -13.53 -9.26 10.01
CA ASP A 119 -14.32 -10.18 9.19
C ASP A 119 -13.48 -11.25 8.55
N LEU A 120 -12.19 -11.01 8.41
CA LEU A 120 -11.34 -11.97 7.70
C LEU A 120 -10.61 -12.96 8.63
N ARG A 121 -10.65 -12.71 9.94
CA ARG A 121 -9.89 -13.54 10.87
C ARG A 121 -10.25 -15.03 10.87
N ASP A 122 -11.51 -15.37 10.64
CA ASP A 122 -11.85 -16.80 10.57
C ASP A 122 -12.22 -17.23 9.15
N ASP A 123 -11.78 -16.46 8.18
CA ASP A 123 -12.02 -16.78 6.78
C ASP A 123 -11.03 -17.87 6.37
N LYS A 124 -11.55 -18.99 5.84
CA LYS A 124 -10.72 -20.13 5.47
C LYS A 124 -9.59 -19.78 4.50
N ASP A 125 -9.90 -19.09 3.40
CA ASP A 125 -8.89 -18.78 2.39
CA ASP A 125 -8.86 -18.80 2.39
C ASP A 125 -7.75 -17.96 3.01
N THR A 126 -8.12 -17.03 3.88
CA THR A 126 -7.16 -16.19 4.60
C THR A 126 -6.29 -17.01 5.55
N ILE A 127 -6.91 -17.88 6.34
CA ILE A 127 -6.14 -18.74 7.25
C ILE A 127 -5.14 -19.59 6.47
N GLU A 128 -5.60 -20.16 5.37
CA GLU A 128 -4.75 -21.01 4.56
C GLU A 128 -3.61 -20.25 3.91
N ARG A 129 -3.92 -19.06 3.37
CA ARG A 129 -2.91 -18.13 2.84
C ARG A 129 -1.81 -17.84 3.85
N LEU A 130 -2.19 -17.50 5.06
CA LEU A 130 -1.23 -17.20 6.09
C LEU A 130 -0.44 -18.45 6.51
N ARG A 131 -1.10 -19.61 6.55
CA ARG A 131 -0.47 -20.87 6.98
C ARG A 131 0.67 -21.23 6.02
N ASP A 132 0.50 -20.87 4.75
CA ASP A 132 1.52 -21.11 3.76
C ASP A 132 2.80 -20.35 4.05
N LYS A 133 2.70 -19.25 4.78
CA LYS A 133 3.87 -18.46 5.14
C LYS A 133 4.20 -18.67 6.61
N LYS A 134 3.72 -19.80 7.16
CA LYS A 134 3.97 -20.20 8.54
C LYS A 134 3.40 -19.22 9.55
N LEU A 135 2.31 -18.55 9.17
CA LEU A 135 1.71 -17.49 9.99
C LEU A 135 0.25 -17.78 10.28
N ALA A 136 -0.34 -16.98 11.16
CA ALA A 136 -1.74 -17.14 11.52
C ALA A 136 -2.33 -15.73 11.82
N PRO A 137 -3.66 -15.59 11.73
CA PRO A 137 -4.25 -14.30 12.05
C PRO A 137 -3.90 -13.90 13.49
N ILE A 138 -3.82 -12.61 13.74
CA ILE A 138 -3.52 -12.08 15.07
C ILE A 138 -4.74 -12.32 15.94
N THR A 139 -4.53 -12.89 17.13
CA THR A 139 -5.58 -13.23 18.06
C THR A 139 -5.82 -12.07 19.01
N TYR A 140 -6.96 -12.09 19.68
CA TYR A 140 -7.28 -11.03 20.63
C TYR A 140 -6.22 -10.93 21.75
N PRO A 141 -5.82 -12.06 22.39
CA PRO A 141 -4.75 -11.96 23.39
C PRO A 141 -3.42 -11.37 22.91
N GLN A 142 -3.09 -11.58 21.64
CA GLN A 142 -1.86 -11.09 21.08
C GLN A 142 -1.98 -9.58 20.88
N GLY A 143 -3.09 -9.17 20.30
CA GLY A 143 -3.38 -7.76 20.11
C GLY A 143 -3.41 -7.01 21.44
N LEU A 144 -4.02 -7.63 22.46
CA LEU A 144 -4.04 -7.00 23.79
C LEU A 144 -2.65 -6.86 24.40
N ALA A 145 -1.79 -7.85 24.19
CA ALA A 145 -0.42 -7.81 24.68
C ALA A 145 0.36 -6.69 24.01
N MET A 146 0.16 -6.49 22.71
CA MET A 146 0.79 -5.39 21.99
C MET A 146 0.29 -4.05 22.49
N ALA A 147 -1.01 -3.93 22.71
CA ALA A 147 -1.57 -2.75 23.31
C ALA A 147 -0.92 -2.37 24.63
N ARG A 148 -0.72 -3.33 25.52
CA ARG A 148 -0.07 -3.05 26.80
C ARG A 148 1.38 -2.61 26.60
N GLU A 149 2.09 -3.33 25.75
CA GLU A 149 3.47 -3.06 25.46
C GLU A 149 3.70 -1.61 24.99
N ILE A 150 2.75 -1.06 24.25
CA ILE A 150 2.92 0.30 23.67
C ILE A 150 2.23 1.37 24.51
N GLY A 151 1.69 1.00 25.67
CA GLY A 151 1.04 1.95 26.55
C GLY A 151 -0.24 2.49 25.94
N SER A 152 -0.92 1.69 25.13
CA SER A 152 -2.21 2.09 24.57
C SER A 152 -3.26 2.15 25.68
N VAL A 153 -4.21 3.08 25.57
CA VAL A 153 -5.30 3.13 26.56
C VAL A 153 -6.42 2.13 26.26
N LYS A 154 -6.48 1.60 25.05
CA LYS A 154 -7.56 0.66 24.75
C LYS A 154 -7.13 -0.14 23.52
N TYR A 155 -7.50 -1.41 23.51
CA TYR A 155 -7.35 -2.24 22.34
C TYR A 155 -8.75 -2.57 21.78
N LEU A 156 -8.97 -2.24 20.50
CA LEU A 156 -10.23 -2.59 19.84
C LEU A 156 -10.04 -3.35 18.52
N GLU A 157 -10.98 -4.22 18.21
CA GLU A 157 -11.02 -4.90 16.90
C GLU A 157 -12.31 -4.53 16.18
N CYS A 158 -12.20 -4.36 14.87
CA CYS A 158 -13.36 -3.97 14.09
C CYS A 158 -13.25 -4.44 12.63
N SER A 159 -14.39 -4.36 11.95
CA SER A 159 -14.48 -4.55 10.50
C SER A 159 -15.18 -3.34 9.88
N ALA A 160 -14.47 -2.59 9.06
CA ALA A 160 -15.12 -1.54 8.25
C ALA A 160 -16.17 -2.14 7.27
N LEU A 161 -15.94 -3.37 6.82
CA LEU A 161 -16.78 -4.03 5.85
C LEU A 161 -18.14 -4.40 6.43
N THR A 162 -18.16 -5.06 7.57
CA THR A 162 -19.44 -5.45 8.20
C THR A 162 -19.93 -4.38 9.18
N GLN A 163 -19.01 -3.53 9.63
CA GLN A 163 -19.19 -2.45 10.61
C GLN A 163 -19.22 -2.93 12.04
N ARG A 164 -18.95 -4.21 12.25
CA ARG A 164 -18.84 -4.72 13.60
C ARG A 164 -17.70 -4.02 14.32
N GLY A 165 -18.04 -3.44 15.46
CA GLY A 165 -17.11 -2.80 16.36
C GLY A 165 -16.70 -1.39 15.98
N LEU A 166 -17.27 -0.86 14.92
CA LEU A 166 -16.74 0.37 14.32
C LEU A 166 -17.08 1.59 15.16
N LYS A 167 -18.33 1.73 15.56
CA LYS A 167 -18.71 2.90 16.38
C LYS A 167 -17.96 2.92 17.71
N THR A 168 -17.68 1.73 18.26
CA THR A 168 -16.98 1.59 19.53
C THR A 168 -15.56 2.15 19.46
N VAL A 169 -14.92 2.01 18.30
CA VAL A 169 -13.58 2.54 18.11
C VAL A 169 -13.55 4.03 18.38
N PHE A 170 -14.47 4.76 17.76
CA PHE A 170 -14.47 6.21 17.82
C PHE A 170 -15.08 6.73 19.11
N ASP A 171 -16.05 6.01 19.66
CA ASP A 171 -16.59 6.29 21.01
CA ASP A 171 -16.56 6.35 21.00
C ASP A 171 -15.46 6.24 22.05
N GLU A 172 -14.66 5.18 21.99
CA GLU A 172 -13.55 5.00 22.94
C GLU A 172 -12.46 6.03 22.69
N ALA A 173 -12.21 6.35 21.42
CA ALA A 173 -11.29 7.44 21.08
C ALA A 173 -11.69 8.75 21.81
N ILE A 174 -12.98 9.10 21.74
CA ILE A 174 -13.49 10.31 22.37
C ILE A 174 -13.35 10.24 23.89
N ARG A 175 -13.69 9.09 24.47
CA ARG A 175 -13.63 8.97 25.93
C ARG A 175 -12.21 9.00 26.48
N ALA A 176 -11.23 8.56 25.68
CA ALA A 176 -9.82 8.67 26.05
C ALA A 176 -9.39 10.13 26.20
N VAL A 177 -10.10 11.03 25.52
CA VAL A 177 -9.79 12.45 25.58
C VAL A 177 -10.65 13.09 26.65
N LEU A 178 -11.95 12.82 26.62
CA LEU A 178 -12.91 13.50 27.51
C LEU A 178 -13.07 12.83 28.87
N GLY A 179 -13.00 11.49 28.89
CA GLY A 179 -13.35 10.70 30.07
C GLY A 179 -14.70 10.02 29.87
N MET B 2 -6.14 -8.38 -34.98
CA MET B 2 -4.76 -7.87 -34.77
C MET B 2 -4.04 -8.69 -33.68
N GLN B 3 -2.72 -8.69 -33.74
CA GLN B 3 -1.91 -9.41 -32.75
C GLN B 3 -2.06 -8.76 -31.38
N ALA B 4 -2.18 -9.59 -30.36
CA ALA B 4 -2.35 -9.14 -29.00
C ALA B 4 -1.23 -9.70 -28.12
N ILE B 5 -0.81 -8.90 -27.13
CA ILE B 5 0.24 -9.26 -26.20
C ILE B 5 -0.28 -8.97 -24.82
N LYS B 6 -0.15 -9.93 -23.89
CA LYS B 6 -0.59 -9.75 -22.51
C LYS B 6 0.61 -9.44 -21.66
N CYS B 7 0.61 -8.26 -21.04
CA CYS B 7 1.69 -7.86 -20.16
C CYS B 7 1.13 -7.68 -18.76
N VAL B 8 1.76 -8.30 -17.77
CA VAL B 8 1.33 -8.21 -16.38
C VAL B 8 2.41 -7.48 -15.61
N VAL B 9 1.97 -6.52 -14.81
CA VAL B 9 2.85 -5.66 -14.03
C VAL B 9 2.72 -6.06 -12.58
N VAL B 10 3.84 -6.41 -11.95
CA VAL B 10 3.81 -6.75 -10.52
C VAL B 10 4.84 -5.94 -9.75
N GLY B 11 4.71 -5.93 -8.42
CA GLY B 11 5.62 -5.24 -7.52
C GLY B 11 4.91 -4.78 -6.27
N ASP B 12 5.69 -4.36 -5.27
CA ASP B 12 5.13 -3.97 -4.00
C ASP B 12 4.09 -2.87 -4.12
N GLY B 13 3.24 -2.78 -3.12
CA GLY B 13 2.33 -1.65 -3.00
C GLY B 13 3.09 -0.33 -2.99
N ALA B 14 2.50 0.66 -3.66
CA ALA B 14 2.99 2.03 -3.72
C ALA B 14 4.27 2.24 -4.56
N VAL B 15 4.69 1.26 -5.38
CA VAL B 15 5.87 1.47 -6.24
C VAL B 15 5.56 2.27 -7.51
N GLY B 16 4.27 2.40 -7.85
CA GLY B 16 3.87 3.26 -8.96
C GLY B 16 3.38 2.49 -10.17
N LYS B 17 2.90 1.26 -9.96
CA LYS B 17 2.42 0.43 -11.05
C LYS B 17 1.25 1.06 -11.80
N THR B 18 0.24 1.51 -11.08
CA THR B 18 -0.96 2.04 -11.71
C THR B 18 -0.64 3.36 -12.41
N CYS B 19 0.17 4.21 -11.78
CA CYS B 19 0.57 5.48 -12.43
C CYS B 19 1.40 5.27 -13.71
N LEU B 20 2.25 4.25 -13.70
CA LEU B 20 3.05 3.84 -14.86
C LEU B 20 2.15 3.49 -16.04
N LEU B 21 1.15 2.63 -15.81
CA LEU B 21 0.27 2.20 -16.87
C LEU B 21 -0.61 3.32 -17.39
N ILE B 22 -1.14 4.15 -16.49
CA ILE B 22 -2.01 5.25 -16.90
C ILE B 22 -1.21 6.33 -17.62
N SER B 23 0.01 6.62 -17.17
CA SER B 23 0.82 7.67 -17.81
C SER B 23 1.17 7.22 -19.21
N TYR B 24 1.50 5.95 -19.32
CA TYR B 24 1.74 5.36 -20.62
C TYR B 24 0.50 5.32 -21.54
N THR B 25 -0.62 4.79 -21.09
CA THR B 25 -1.77 4.55 -22.00
C THR B 25 -2.57 5.84 -22.28
N THR B 26 -2.53 6.83 -21.39
CA THR B 26 -3.27 8.09 -21.59
C THR B 26 -2.38 9.31 -21.90
N ASN B 27 -1.08 9.17 -21.72
CA ASN B 27 -0.15 10.31 -21.79
C ASN B 27 -0.35 11.35 -20.70
N ALA B 28 -0.97 10.95 -19.59
CA ALA B 28 -1.19 11.86 -18.45
C ALA B 28 -0.95 11.14 -17.14
N PHE B 29 -0.30 11.82 -16.20
CA PHE B 29 -0.08 11.26 -14.89
C PHE B 29 -1.35 11.53 -14.08
N PRO B 30 -1.88 10.50 -13.39
CA PRO B 30 -3.12 10.65 -12.63
C PRO B 30 -3.25 11.92 -11.78
N GLY B 31 -2.36 12.14 -10.83
CA GLY B 31 -2.44 13.35 -9.99
C GLY B 31 -3.66 13.51 -9.10
N GLU B 32 -4.84 13.67 -9.70
CA GLU B 32 -6.08 13.83 -8.93
C GLU B 32 -6.49 12.52 -8.25
N TYR B 33 -6.80 11.52 -9.07
CA TYR B 33 -7.38 10.25 -8.64
C TYR B 33 -6.51 9.12 -9.18
N ILE B 34 -6.14 8.15 -8.34
CA ILE B 34 -5.47 6.91 -8.80
C ILE B 34 -6.38 5.71 -8.53
N PRO B 35 -6.84 5.02 -9.58
CA PRO B 35 -7.69 3.84 -9.38
C PRO B 35 -7.09 2.88 -8.36
N THR B 36 -7.92 2.47 -7.40
CA THR B 36 -7.49 1.47 -6.40
C THR B 36 -7.83 0.05 -6.88
N VAL B 37 -8.77 -0.04 -7.82
CA VAL B 37 -9.06 -1.29 -8.53
C VAL B 37 -7.86 -1.70 -9.42
N PHE B 38 -7.84 -2.95 -9.83
CA PHE B 38 -6.73 -3.49 -10.61
C PHE B 38 -7.24 -3.83 -11.99
N ASP B 39 -7.12 -2.84 -12.86
CA ASP B 39 -7.78 -2.86 -14.16
C ASP B 39 -6.82 -3.42 -15.19
N ASN B 40 -7.34 -3.63 -16.38
CA ASN B 40 -6.54 -3.98 -17.53
C ASN B 40 -6.56 -2.78 -18.47
N TYR B 41 -5.39 -2.20 -18.68
CA TYR B 41 -5.27 -1.02 -19.52
C TYR B 41 -4.93 -1.46 -20.92
N SER B 42 -4.95 -0.54 -21.87
CA SER B 42 -4.73 -0.88 -23.26
CA SER B 42 -4.76 -0.87 -23.27
C SER B 42 -3.93 0.19 -23.98
N ALA B 43 -2.93 -0.29 -24.70
CA ALA B 43 -2.09 0.53 -25.53
C ALA B 43 -2.13 -0.16 -26.91
N ASN B 44 -1.97 0.62 -27.97
CA ASN B 44 -1.83 0.10 -29.30
C ASN B 44 -0.59 0.70 -29.87
N VAL B 45 0.28 -0.15 -30.41
CA VAL B 45 1.58 0.30 -30.89
C VAL B 45 1.71 -0.19 -32.30
N MET B 46 2.26 0.65 -33.16
CA MET B 46 2.56 0.29 -34.51
C MET B 46 3.90 -0.41 -34.45
N VAL B 47 3.91 -1.69 -34.82
CA VAL B 47 5.11 -2.52 -34.85
C VAL B 47 5.28 -3.08 -36.25
N ASP B 48 6.39 -2.75 -36.90
CA ASP B 48 6.65 -3.16 -38.28
C ASP B 48 5.45 -2.86 -39.18
N GLY B 49 4.91 -1.66 -39.05
CA GLY B 49 3.79 -1.22 -39.87
C GLY B 49 2.46 -1.90 -39.61
N LYS B 50 2.36 -2.66 -38.52
CA LYS B 50 1.12 -3.35 -38.17
C LYS B 50 0.73 -2.99 -36.74
N PRO B 51 -0.55 -2.68 -36.50
CA PRO B 51 -1.00 -2.36 -35.14
C PRO B 51 -1.04 -3.60 -34.25
N VAL B 52 -0.48 -3.47 -33.06
CA VAL B 52 -0.46 -4.56 -32.11
C VAL B 52 -1.08 -4.02 -30.83
N ASN B 53 -2.02 -4.78 -30.26
CA ASN B 53 -2.61 -4.40 -28.99
C ASN B 53 -1.86 -5.00 -27.82
N LEU B 54 -1.48 -4.12 -26.91
CA LEU B 54 -0.82 -4.45 -25.67
C LEU B 54 -1.86 -4.37 -24.57
N GLY B 55 -2.20 -5.52 -24.00
CA GLY B 55 -3.08 -5.56 -22.82
C GLY B 55 -2.24 -5.52 -21.55
N LEU B 56 -2.46 -4.50 -20.72
CA LEU B 56 -1.62 -4.21 -19.59
C LEU B 56 -2.38 -4.46 -18.29
N TRP B 57 -2.00 -5.53 -17.59
CA TRP B 57 -2.73 -6.00 -16.44
C TRP B 57 -2.08 -5.47 -15.15
N ASP B 58 -2.82 -4.63 -14.46
CA ASP B 58 -2.35 -4.04 -13.23
C ASP B 58 -2.64 -5.09 -12.14
N THR B 59 -1.81 -5.15 -11.11
CA THR B 59 -2.03 -6.13 -10.02
C THR B 59 -1.93 -5.46 -8.66
N ALA B 60 -2.44 -6.14 -7.62
CA ALA B 60 -2.29 -5.72 -6.23
C ALA B 60 -1.00 -6.32 -5.66
N GLY B 61 -0.12 -5.48 -5.12
CA GLY B 61 1.11 -5.95 -4.46
C GLY B 61 1.02 -6.42 -3.02
N GLN B 62 -0.16 -6.32 -2.41
CA GLN B 62 -0.30 -6.68 -1.00
C GLN B 62 -0.39 -8.20 -0.79
N GLU B 63 0.04 -8.64 0.39
CA GLU B 63 -0.07 -10.04 0.75
C GLU B 63 -1.49 -10.60 0.66
N ASP B 64 -2.52 -9.75 0.79
CA ASP B 64 -3.89 -10.23 0.83
C ASP B 64 -4.27 -10.82 -0.49
N TYR B 65 -3.52 -10.46 -1.51
CA TYR B 65 -3.78 -10.95 -2.84
C TYR B 65 -2.85 -12.06 -3.28
N ASP B 66 -2.07 -12.64 -2.36
CA ASP B 66 -1.10 -13.69 -2.74
C ASP B 66 -1.75 -14.92 -3.40
N ARG B 67 -2.99 -15.22 -3.07
CA ARG B 67 -3.68 -16.28 -3.78
C ARG B 67 -4.49 -15.80 -4.96
N LEU B 68 -5.08 -14.61 -4.87
CA LEU B 68 -5.87 -14.07 -5.99
C LEU B 68 -5.04 -13.54 -7.16
N ARG B 69 -3.94 -12.87 -6.87
CA ARG B 69 -3.16 -12.22 -7.94
C ARG B 69 -2.72 -13.21 -9.03
N PRO B 70 -2.11 -14.35 -8.64
CA PRO B 70 -1.64 -15.26 -9.68
C PRO B 70 -2.73 -15.86 -10.59
N LEU B 71 -4.00 -15.64 -10.28
CA LEU B 71 -5.08 -16.09 -11.17
C LEU B 71 -5.17 -15.24 -12.44
N SER B 72 -4.45 -14.11 -12.46
CA SER B 72 -4.31 -13.28 -13.65
C SER B 72 -3.10 -13.66 -14.52
N TYR B 73 -2.28 -14.61 -14.05
CA TYR B 73 -1.02 -14.91 -14.73
C TYR B 73 -1.15 -15.77 -15.98
N PRO B 74 -2.20 -16.58 -16.10
CA PRO B 74 -2.36 -17.37 -17.32
C PRO B 74 -2.19 -16.62 -18.63
N GLN B 75 -1.39 -17.20 -19.53
CA GLN B 75 -1.24 -16.75 -20.91
C GLN B 75 -0.54 -15.38 -21.00
N THR B 76 0.23 -15.05 -19.97
CA THR B 76 1.02 -13.83 -19.96
C THR B 76 2.21 -14.00 -20.92
N ASP B 77 2.49 -12.98 -21.71
CA ASP B 77 3.62 -13.00 -22.64
C ASP B 77 4.88 -12.36 -22.06
N VAL B 78 4.71 -11.37 -21.18
CA VAL B 78 5.84 -10.69 -20.56
C VAL B 78 5.40 -10.14 -19.19
N PHE B 79 6.29 -10.24 -18.21
CA PHE B 79 6.09 -9.62 -16.91
C PHE B 79 6.96 -8.38 -16.74
N LEU B 80 6.40 -7.34 -16.13
CA LEU B 80 7.22 -6.27 -15.61
C LEU B 80 7.22 -6.40 -14.11
N ILE B 81 8.40 -6.65 -13.55
CA ILE B 81 8.58 -6.57 -12.10
C ILE B 81 9.08 -5.17 -11.77
N CYS B 82 8.29 -4.44 -10.95
CA CYS B 82 8.53 -3.05 -10.60
C CYS B 82 9.01 -2.91 -9.18
N PHE B 83 9.97 -2.01 -8.98
CA PHE B 83 10.36 -1.54 -7.64
C PHE B 83 10.61 -0.06 -7.71
N SER B 84 10.43 0.63 -6.60
CA SER B 84 10.74 2.05 -6.58
C SER B 84 12.21 2.26 -6.29
N LEU B 85 12.85 3.09 -7.10
CA LEU B 85 14.28 3.40 -6.95
C LEU B 85 14.56 4.11 -5.62
N VAL B 86 13.52 4.62 -4.96
CA VAL B 86 13.70 5.24 -3.65
C VAL B 86 13.04 4.44 -2.52
N SER B 87 12.77 3.16 -2.75
CA SER B 87 12.36 2.24 -1.68
C SER B 87 13.19 0.96 -1.73
N PRO B 88 14.34 0.97 -1.06
CA PRO B 88 15.16 -0.23 -0.93
C PRO B 88 14.37 -1.48 -0.52
N ALA B 89 13.35 -1.35 0.32
CA ALA B 89 12.53 -2.51 0.72
C ALA B 89 11.83 -3.12 -0.48
N SER B 90 11.30 -2.28 -1.39
CA SER B 90 10.63 -2.76 -2.60
C SER B 90 11.62 -3.43 -3.55
N PHE B 91 12.87 -2.99 -3.51
CA PHE B 91 13.94 -3.57 -4.31
C PHE B 91 14.24 -4.97 -3.81
N GLU B 92 14.39 -5.09 -2.50
CA GLU B 92 14.70 -6.36 -1.86
C GLU B 92 13.59 -7.38 -2.12
N ASN B 93 12.33 -6.93 -2.19
CA ASN B 93 11.21 -7.83 -2.51
C ASN B 93 11.17 -8.37 -3.91
N VAL B 94 11.91 -7.75 -4.82
CA VAL B 94 12.09 -8.31 -6.16
C VAL B 94 12.67 -9.72 -6.03
N ARG B 95 13.72 -9.84 -5.24
CA ARG B 95 14.37 -11.13 -5.05
C ARG B 95 13.62 -12.04 -4.09
N ALA B 96 13.10 -11.46 -3.00
CA ALA B 96 12.47 -12.21 -1.93
C ALA B 96 11.06 -12.69 -2.27
N LYS B 97 10.36 -11.95 -3.14
CA LYS B 97 8.94 -12.24 -3.42
C LYS B 97 8.60 -12.36 -4.91
N TRP B 98 8.84 -11.30 -5.68
CA TRP B 98 8.26 -11.18 -7.03
C TRP B 98 8.83 -12.15 -8.04
N TYR B 99 10.15 -12.22 -8.09
CA TYR B 99 10.79 -13.17 -9.00
C TYR B 99 10.41 -14.62 -8.66
N PRO B 100 10.57 -15.04 -7.40
CA PRO B 100 10.10 -16.39 -7.04
C PRO B 100 8.62 -16.69 -7.36
N GLU B 101 7.74 -15.71 -7.14
CA GLU B 101 6.32 -15.93 -7.41
C GLU B 101 6.03 -16.04 -8.90
N VAL B 102 6.57 -15.11 -9.69
CA VAL B 102 6.38 -15.14 -11.12
C VAL B 102 6.90 -16.46 -11.70
N ARG B 103 8.09 -16.87 -11.25
CA ARG B 103 8.70 -18.08 -11.79
C ARG B 103 8.01 -19.37 -11.37
N HIS B 104 7.41 -19.37 -10.19
CA HIS B 104 6.60 -20.49 -9.73
C HIS B 104 5.43 -20.73 -10.68
N HIS B 105 4.82 -19.66 -11.18
CA HIS B 105 3.66 -19.80 -12.05
C HIS B 105 3.99 -19.83 -13.52
N CYS B 106 4.96 -19.03 -13.94
CA CYS B 106 5.35 -18.95 -15.34
C CYS B 106 6.87 -19.11 -15.44
N PRO B 107 7.35 -20.37 -15.46
CA PRO B 107 8.79 -20.60 -15.41
C PRO B 107 9.58 -20.12 -16.64
N HIS B 108 8.91 -19.88 -17.78
CA HIS B 108 9.61 -19.48 -18.99
C HIS B 108 9.29 -18.09 -19.52
N THR B 109 8.38 -17.36 -18.88
CA THR B 109 7.92 -16.10 -19.42
C THR B 109 8.97 -15.03 -19.21
N PRO B 110 9.27 -14.23 -20.25
CA PRO B 110 10.23 -13.13 -20.08
C PRO B 110 9.88 -12.15 -18.95
N ILE B 111 10.88 -11.73 -18.18
CA ILE B 111 10.75 -10.70 -17.15
C ILE B 111 11.59 -9.48 -17.49
N LEU B 112 10.98 -8.29 -17.41
CA LEU B 112 11.73 -7.03 -17.42
C LEU B 112 11.71 -6.47 -16.00
N LEU B 113 12.86 -6.01 -15.54
CA LEU B 113 12.94 -5.35 -14.24
C LEU B 113 12.90 -3.85 -14.47
N VAL B 114 11.97 -3.18 -13.79
CA VAL B 114 11.71 -1.77 -14.00
C VAL B 114 11.85 -1.03 -12.67
N GLY B 115 12.81 -0.10 -12.62
CA GLY B 115 12.99 0.83 -11.51
C GLY B 115 12.12 2.05 -11.74
N THR B 116 11.20 2.32 -10.82
CA THR B 116 10.26 3.41 -10.95
C THR B 116 10.66 4.60 -10.07
N LYS B 117 9.98 5.71 -10.33
CA LYS B 117 10.16 6.98 -9.65
C LYS B 117 11.55 7.54 -9.79
N LEU B 118 12.09 7.43 -11.00
CA LEU B 118 13.40 7.90 -11.34
C LEU B 118 13.61 9.38 -11.00
N ASP B 119 12.56 10.18 -11.11
CA ASP B 119 12.61 11.61 -10.79
C ASP B 119 12.97 11.89 -9.34
N LEU B 120 12.87 10.90 -8.47
CA LEU B 120 13.17 11.14 -7.05
C LEU B 120 14.56 10.68 -6.62
N ARG B 121 15.28 10.02 -7.52
CA ARG B 121 16.59 9.51 -7.14
C ARG B 121 17.60 10.57 -6.71
N ASP B 122 17.62 11.72 -7.38
CA ASP B 122 18.50 12.84 -6.98
C ASP B 122 17.81 13.87 -6.08
N ASP B 123 16.60 13.56 -5.60
CA ASP B 123 15.90 14.50 -4.75
C ASP B 123 16.55 14.57 -3.37
N LYS B 124 16.98 15.77 -2.98
CA LYS B 124 17.72 16.01 -1.74
C LYS B 124 16.96 15.51 -0.51
N ASP B 125 15.68 15.85 -0.43
CA ASP B 125 14.85 15.42 0.72
C ASP B 125 14.69 13.90 0.78
N THR B 126 14.60 13.26 -0.38
CA THR B 126 14.48 11.80 -0.45
C THR B 126 15.79 11.14 -0.02
N ILE B 127 16.90 11.69 -0.48
CA ILE B 127 18.22 11.19 -0.12
C ILE B 127 18.43 11.27 1.39
N GLU B 128 18.05 12.39 1.99
CA GLU B 128 18.21 12.58 3.44
C GLU B 128 17.29 11.65 4.21
N ARG B 129 16.05 11.54 3.75
CA ARG B 129 15.10 10.61 4.35
C ARG B 129 15.68 9.21 4.42
N LEU B 130 16.19 8.72 3.30
CA LEU B 130 16.80 7.39 3.27
C LEU B 130 18.08 7.29 4.12
N ARG B 131 18.90 8.34 4.09
CA ARG B 131 20.14 8.37 4.88
C ARG B 131 19.86 8.24 6.37
N ASP B 132 18.74 8.80 6.84
CA ASP B 132 18.33 8.65 8.24
C ASP B 132 18.15 7.19 8.65
N LYS B 133 17.80 6.34 7.69
CA LYS B 133 17.68 4.90 7.95
C LYS B 133 18.91 4.14 7.42
N LYS B 134 20.02 4.85 7.22
CA LYS B 134 21.27 4.27 6.70
C LYS B 134 21.11 3.57 5.34
N LEU B 135 20.22 4.12 4.51
CA LEU B 135 19.95 3.60 3.16
C LEU B 135 20.16 4.71 2.12
N ALA B 136 19.96 4.34 0.85
CA ALA B 136 20.13 5.26 -0.25
C ALA B 136 19.33 4.80 -1.46
N PRO B 137 18.98 5.74 -2.33
CA PRO B 137 18.29 5.31 -3.53
C PRO B 137 19.07 4.24 -4.28
N ILE B 138 18.34 3.38 -4.98
CA ILE B 138 18.97 2.29 -5.70
C ILE B 138 19.68 2.88 -6.93
N THR B 139 20.96 2.53 -7.12
CA THR B 139 21.74 3.07 -8.24
C THR B 139 21.51 2.22 -9.48
N TYR B 140 21.86 2.77 -10.64
CA TYR B 140 21.70 2.02 -11.90
C TYR B 140 22.43 0.68 -11.88
N PRO B 141 23.71 0.65 -11.47
CA PRO B 141 24.46 -0.60 -11.36
C PRO B 141 23.85 -1.62 -10.41
N GLN B 142 23.29 -1.17 -9.29
CA GLN B 142 22.56 -2.05 -8.38
C GLN B 142 21.33 -2.66 -9.04
N GLY B 143 20.53 -1.83 -9.70
CA GLY B 143 19.38 -2.34 -10.43
C GLY B 143 19.76 -3.32 -11.52
N LEU B 144 20.80 -3.01 -12.27
CA LEU B 144 21.28 -3.89 -13.35
C LEU B 144 21.72 -5.24 -12.79
N ALA B 145 22.35 -5.22 -11.62
CA ALA B 145 22.84 -6.44 -10.99
C ALA B 145 21.67 -7.32 -10.53
N MET B 146 20.66 -6.72 -9.94
CA MET B 146 19.44 -7.45 -9.61
C MET B 146 18.79 -8.02 -10.89
N ALA B 147 18.78 -7.26 -11.97
CA ALA B 147 18.22 -7.76 -13.23
C ALA B 147 18.95 -9.04 -13.66
N ARG B 148 20.28 -9.03 -13.59
CA ARG B 148 21.06 -10.22 -13.89
C ARG B 148 20.78 -11.37 -12.91
N GLU B 149 20.65 -11.02 -11.64
CA GLU B 149 20.40 -12.01 -10.60
C GLU B 149 19.13 -12.77 -10.86
N ILE B 150 18.08 -12.08 -11.33
CA ILE B 150 16.79 -12.74 -11.59
C ILE B 150 16.60 -13.22 -13.04
N GLY B 151 17.61 -13.05 -13.88
CA GLY B 151 17.52 -13.48 -15.28
C GLY B 151 16.57 -12.66 -16.13
N SER B 152 16.49 -11.35 -15.86
CA SER B 152 15.64 -10.45 -16.65
C SER B 152 16.21 -10.26 -18.04
N VAL B 153 15.34 -10.05 -19.02
CA VAL B 153 15.78 -9.78 -20.39
C VAL B 153 16.15 -8.31 -20.60
N LYS B 154 15.82 -7.46 -19.63
CA LYS B 154 16.15 -6.04 -19.69
C LYS B 154 15.95 -5.38 -18.32
N TYR B 155 16.85 -4.44 -18.01
CA TYR B 155 16.72 -3.53 -16.87
C TYR B 155 16.45 -2.12 -17.42
N LEU B 156 15.41 -1.50 -16.89
CA LEU B 156 14.98 -0.18 -17.30
C LEU B 156 14.60 0.68 -16.09
N GLU B 157 14.88 1.99 -16.17
CA GLU B 157 14.45 2.96 -15.16
C GLU B 157 13.52 3.96 -15.80
N CYS B 158 12.53 4.40 -15.06
CA CYS B 158 11.58 5.33 -15.63
C CYS B 158 10.90 6.17 -14.58
N SER B 159 10.26 7.25 -15.05
CA SER B 159 9.37 8.07 -14.21
C SER B 159 8.04 8.23 -14.95
N ALA B 160 6.95 7.77 -14.32
CA ALA B 160 5.62 8.04 -14.87
C ALA B 160 5.28 9.52 -14.80
N LEU B 161 5.86 10.23 -13.83
CA LEU B 161 5.56 11.64 -13.64
C LEU B 161 6.18 12.52 -14.72
N THR B 162 7.45 12.27 -15.04
CA THR B 162 8.14 13.07 -16.04
C THR B 162 8.07 12.36 -17.39
N GLN B 163 7.68 11.08 -17.38
CA GLN B 163 7.59 10.23 -18.57
C GLN B 163 8.93 9.85 -19.16
N ARG B 164 10.01 10.24 -18.49
CA ARG B 164 11.34 9.83 -18.94
C ARG B 164 11.50 8.30 -18.79
N GLY B 165 11.92 7.65 -19.88
CA GLY B 165 12.07 6.19 -19.93
C GLY B 165 10.80 5.40 -20.14
N LEU B 166 9.65 6.07 -20.13
CA LEU B 166 8.37 5.38 -20.01
C LEU B 166 8.04 4.61 -21.30
N LYS B 167 8.08 5.30 -22.44
CA LYS B 167 7.80 4.62 -23.71
C LYS B 167 8.72 3.41 -23.91
N THR B 168 9.98 3.55 -23.52
CA THR B 168 11.01 2.52 -23.73
C THR B 168 10.65 1.25 -22.97
N VAL B 169 10.10 1.40 -21.76
CA VAL B 169 9.62 0.25 -21.01
C VAL B 169 8.73 -0.65 -21.87
N PHE B 170 7.74 -0.05 -22.52
CA PHE B 170 6.76 -0.85 -23.25
C PHE B 170 7.24 -1.26 -24.64
N ASP B 171 8.11 -0.48 -25.27
CA ASP B 171 8.77 -0.95 -26.49
C ASP B 171 9.62 -2.19 -26.23
N GLU B 172 10.28 -2.20 -25.09
CA GLU B 172 11.15 -3.31 -24.71
C GLU B 172 10.33 -4.52 -24.26
N ALA B 173 9.18 -4.29 -23.63
CA ALA B 173 8.24 -5.37 -23.36
C ALA B 173 7.75 -6.02 -24.66
N ILE B 174 7.42 -5.21 -25.67
CA ILE B 174 7.02 -5.74 -26.98
C ILE B 174 8.17 -6.51 -27.65
N ARG B 175 9.38 -5.95 -27.61
CA ARG B 175 10.56 -6.60 -28.18
C ARG B 175 10.83 -7.96 -27.54
N ALA B 176 10.59 -8.07 -26.24
CA ALA B 176 10.82 -9.34 -25.52
C ALA B 176 9.83 -10.42 -25.91
N VAL B 177 8.70 -10.01 -26.48
CA VAL B 177 7.68 -10.95 -26.97
C VAL B 177 7.79 -11.20 -28.48
N LEU B 178 7.87 -10.15 -29.28
CA LEU B 178 7.85 -10.27 -30.75
C LEU B 178 9.23 -10.34 -31.37
N GLY B 179 10.27 -10.05 -30.58
CA GLY B 179 11.66 -10.19 -31.03
C GLY B 179 12.19 -8.88 -31.59
MG MG C . -5.86 5.22 2.68
CL CL D . -4.63 -1.86 26.87
PG GNP E . -3.10 3.53 2.49
O1G GNP E . -3.90 4.74 2.02
O2G GNP E . -2.00 3.90 3.52
O3G GNP E . -2.32 3.12 1.26
N3B GNP E . -4.08 2.21 2.72
PB GNP E . -5.36 2.17 3.74
O1B GNP E . -4.91 1.81 5.11
O2B GNP E . -6.02 3.45 3.59
O3A GNP E . -6.31 1.03 3.36
PA GNP E . -7.67 1.06 2.57
O1A GNP E . -8.79 1.69 3.35
O2A GNP E . -7.48 1.65 1.23
O5' GNP E . -8.10 -0.45 2.40
C5' GNP E . -7.16 -1.36 1.79
C4' GNP E . -7.82 -2.61 1.28
O4' GNP E . -8.42 -3.32 2.39
C3' GNP E . -8.95 -2.42 0.28
O3' GNP E . -8.98 -3.49 -0.63
C2' GNP E . -10.18 -2.45 1.17
O2' GNP E . -11.33 -2.85 0.49
C1' GNP E . -9.78 -3.53 2.16
N9 GNP E . -10.48 -3.45 3.46
C8 GNP E . -10.57 -2.35 4.27
N7 GNP E . -11.24 -2.56 5.37
C5 GNP E . -11.65 -3.89 5.27
C6 GNP E . -12.43 -4.68 6.15
O6 GNP E . -12.92 -4.34 7.22
N1 GNP E . -12.62 -5.97 5.68
C2 GNP E . -12.12 -6.45 4.48
N2 GNP E . -12.42 -7.74 4.17
N3 GNP E . -11.40 -5.72 3.64
C4 GNP E . -11.20 -4.45 4.08
C1 BTB F . -21.55 6.92 13.81
O1 BTB F . -22.67 6.00 13.82
C2 BTB F . -21.97 8.36 13.54
C3 BTB F . -22.70 8.89 14.79
O3 BTB F . -21.92 8.78 15.99
C4 BTB F . -20.71 9.20 13.37
O4 BTB F . -21.06 10.54 12.99
N BTB F . -22.73 8.58 12.29
C5 BTB F . -23.83 9.57 12.15
C6 BTB F . -25.18 9.24 12.79
O6 BTB F . -25.95 8.29 12.05
C7 BTB F . -22.21 7.95 11.07
C8 BTB F . -23.30 7.44 10.13
O8 BTB F . -23.72 6.16 10.59
MG MG G . -2.23 0.44 -8.03
CL CL H . -0.49 -2.33 -5.16
PB GDP I . 0.80 1.18 -7.02
O1B GDP I . -0.27 0.98 -8.02
O2B GDP I . 2.03 0.38 -7.25
O3B GDP I . 0.32 0.94 -5.56
O3A GDP I . 1.34 2.68 -7.04
PA GDP I . 0.55 3.98 -7.56
O1A GDP I . 0.50 4.06 -9.06
O2A GDP I . -0.76 4.07 -6.86
O5' GDP I . 1.50 5.12 -7.02
C5' GDP I . 1.78 5.15 -5.61
C4' GDP I . 2.25 6.54 -5.18
O4' GDP I . 3.47 6.86 -5.85
C3' GDP I . 1.29 7.67 -5.54
O3' GDP I . 1.42 8.66 -4.53
C2' GDP I . 1.83 8.20 -6.85
O2' GDP I . 1.56 9.58 -7.13
C1' GDP I . 3.31 8.03 -6.64
N9 GDP I . 4.00 7.88 -7.94
C8 GDP I . 3.71 6.98 -8.90
N7 GDP I . 4.57 7.11 -9.94
C5 GDP I . 5.44 8.11 -9.65
C6 GDP I . 6.61 8.74 -10.29
O6 GDP I . 7.03 8.43 -11.44
N1 GDP I . 7.20 9.69 -9.59
C2 GDP I . 6.81 10.10 -8.38
N2 GDP I . 7.48 11.09 -7.76
N3 GDP I . 5.75 9.58 -7.73
C4 GDP I . 5.06 8.58 -8.29
#